data_8C3K
#
_entry.id   8C3K
#
_cell.length_a   67.143
_cell.length_b   67.143
_cell.length_c   69.707
_cell.angle_alpha   90.000
_cell.angle_beta   90.000
_cell.angle_gamma   120.000
#
_symmetry.space_group_name_H-M   'P 32 2 1'
#
loop_
_entity.id
_entity.type
_entity.pdbx_description
1 polymer 'Phage repressor protein CI'
2 polymer 'Nanobody 33'
3 water water
#
loop_
_entity_poly.entity_id
_entity_poly.type
_entity_poly.pdbx_seq_one_letter_code
_entity_poly.pdbx_strand_id
1 'polypeptide(L)' MQKKEIRRLRLKEWFKDKTLPPKEKSYLSQLMSGRASFGEKAARRIEQTYGMPEGYLDAEYAEQPGSSHHHHHH A
2 'polypeptide(L)'
;QVQLVESGGGLVQSGGSLRLSCAASGSIFRTTGMNWYRQTPEKQREWVALITSHGTTSYAASVEGRFTISRDSAGTTVYL
QMNSLKPEDAGVYYCTTRGYWGQGTQVTVSSHHHHHH
;
B
#
# COMPACT_ATOMS: atom_id res chain seq x y z
N LYS A 4 -21.33 14.90 -1.54
CA LYS A 4 -21.47 13.69 -0.75
C LYS A 4 -20.48 13.65 0.43
N GLU A 5 -21.00 13.83 1.65
CA GLU A 5 -20.18 13.74 2.85
C GLU A 5 -19.64 12.32 3.06
N ILE A 6 -20.22 11.31 2.41
CA ILE A 6 -19.72 9.96 2.60
C ILE A 6 -18.32 9.81 2.00
N ARG A 7 -18.04 10.50 0.89
CA ARG A 7 -16.71 10.43 0.31
C ARG A 7 -15.67 10.97 1.29
N ARG A 8 -15.99 12.05 2.00
CA ARG A 8 -15.06 12.60 2.98
C ARG A 8 -14.75 11.59 4.07
N LEU A 9 -15.80 10.98 4.64
CA LEU A 9 -15.60 10.02 5.73
C LEU A 9 -14.82 8.79 5.25
N ARG A 10 -15.17 8.27 4.08
CA ARG A 10 -14.46 7.11 3.53
C ARG A 10 -13.00 7.44 3.23
N LEU A 11 -12.73 8.66 2.77
CA LEU A 11 -11.34 9.03 2.49
C LEU A 11 -10.53 9.02 3.77
N LYS A 12 -11.05 9.67 4.83
CA LYS A 12 -10.41 9.63 6.13
C LYS A 12 -10.23 8.19 6.61
N GLU A 13 -11.26 7.37 6.46
CA GLU A 13 -11.17 5.98 6.90
C GLU A 13 -10.03 5.25 6.20
N TRP A 14 -9.89 5.44 4.89
CA TRP A 14 -8.83 4.76 4.14
C TRP A 14 -7.45 5.08 4.71
N PHE A 15 -7.18 6.34 5.01
CA PHE A 15 -5.86 6.75 5.44
C PHE A 15 -5.67 6.70 6.95
N LYS A 16 -6.67 6.20 7.69
CA LYS A 16 -6.59 6.19 9.14
C LYS A 16 -5.47 5.30 9.65
N ASP A 17 -5.22 4.18 8.96
CA ASP A 17 -4.17 3.24 9.31
C ASP A 17 -2.95 3.37 8.41
N LYS A 18 -2.79 4.52 7.74
CA LYS A 18 -1.69 4.72 6.80
C LYS A 18 -1.09 6.10 7.05
N THR A 19 -0.13 6.48 6.23
CA THR A 19 0.43 7.83 6.25
C THR A 19 0.26 8.45 4.86
N LEU A 20 0.13 9.76 4.84
CA LEU A 20 -0.16 10.44 3.58
C LEU A 20 1.13 10.77 2.85
N PRO A 21 1.21 10.51 1.54
CA PRO A 21 2.39 10.93 0.78
C PRO A 21 2.55 12.44 0.82
N PRO A 22 3.76 12.94 1.04
CA PRO A 22 3.94 14.39 1.15
C PRO A 22 3.42 15.16 -0.05
N LYS A 23 3.62 14.63 -1.26
CA LYS A 23 3.12 15.32 -2.45
C LYS A 23 1.60 15.42 -2.45
N GLU A 24 0.92 14.48 -1.80
CA GLU A 24 -0.53 14.48 -1.78
C GLU A 24 -1.11 14.99 -0.48
N LYS A 25 -0.29 15.10 0.58
CA LYS A 25 -0.79 15.45 1.90
C LYS A 25 -1.69 16.69 1.86
N SER A 26 -1.31 17.67 1.05
CA SER A 26 -2.08 18.92 0.97
C SER A 26 -3.43 18.70 0.32
N TYR A 27 -3.45 18.07 -0.85
CA TYR A 27 -4.68 17.90 -1.62
C TYR A 27 -5.65 16.95 -0.92
N LEU A 28 -5.15 15.85 -0.36
CA LEU A 28 -6.01 14.93 0.37
C LEU A 28 -6.60 15.57 1.62
N SER A 29 -5.84 16.46 2.28
CA SER A 29 -6.33 17.06 3.52
C SER A 29 -7.47 18.03 3.26
N GLN A 30 -7.45 18.73 2.12
CA GLN A 30 -8.58 19.57 1.73
C GLN A 30 -9.84 18.74 1.57
N LEU A 31 -9.73 17.53 1.02
CA LEU A 31 -10.90 16.68 0.86
C LEU A 31 -11.38 16.14 2.19
N MET A 32 -10.44 15.74 3.06
CA MET A 32 -10.82 15.16 4.35
C MET A 32 -11.44 16.18 5.27
N SER A 33 -11.16 17.46 5.08
CA SER A 33 -11.66 18.51 5.96
C SER A 33 -12.85 19.27 5.37
N GLY A 34 -13.25 18.96 4.14
CA GLY A 34 -14.36 19.64 3.52
C GLY A 34 -14.02 20.88 2.73
N ARG A 35 -12.75 21.28 2.69
CA ARG A 35 -12.37 22.51 2.02
C ARG A 35 -12.56 22.41 0.51
N ALA A 36 -12.17 21.28 -0.08
CA ALA A 36 -12.29 21.09 -1.52
C ALA A 36 -13.58 20.34 -1.85
N SER A 37 -14.08 20.56 -3.06
CA SER A 37 -15.22 19.82 -3.56
C SER A 37 -14.84 18.35 -3.75
N PHE A 38 -15.82 17.44 -3.56
CA PHE A 38 -15.58 15.99 -3.60
C PHE A 38 -16.63 15.34 -4.53
N GLY A 39 -16.40 15.43 -5.83
CA GLY A 39 -17.37 15.00 -6.81
C GLY A 39 -17.23 13.54 -7.20
N GLU A 40 -18.11 13.11 -8.11
CA GLU A 40 -18.11 11.72 -8.56
C GLU A 40 -16.80 11.37 -9.25
N LYS A 41 -16.40 12.16 -10.26
CA LYS A 41 -15.21 11.82 -11.03
C LYS A 41 -13.95 11.87 -10.17
N ALA A 42 -13.86 12.86 -9.28
CA ALA A 42 -12.72 12.92 -8.36
C ALA A 42 -12.64 11.68 -7.49
N ALA A 43 -13.78 11.22 -6.95
CA ALA A 43 -13.78 10.02 -6.13
C ALA A 43 -13.34 8.80 -6.93
N ARG A 44 -13.80 8.69 -8.17
CA ARG A 44 -13.41 7.56 -9.00
C ARG A 44 -11.90 7.60 -9.32
N ARG A 45 -11.36 8.80 -9.55
CA ARG A 45 -9.94 8.91 -9.86
CA ARG A 45 -9.94 8.90 -9.86
C ARG A 45 -9.09 8.63 -8.63
N ILE A 46 -9.55 9.07 -7.46
CA ILE A 46 -8.82 8.80 -6.22
C ILE A 46 -8.75 7.31 -5.95
N GLU A 47 -9.86 6.59 -6.15
CA GLU A 47 -9.85 5.14 -5.96
C GLU A 47 -8.83 4.48 -6.89
N GLN A 48 -8.76 4.94 -8.13
CA GLN A 48 -7.78 4.38 -9.06
C GLN A 48 -6.36 4.69 -8.62
N THR A 49 -6.12 5.94 -8.21
CA THR A 49 -4.78 6.36 -7.79
CA THR A 49 -4.78 6.36 -7.79
C THR A 49 -4.22 5.46 -6.69
N TYR A 50 -5.03 5.17 -5.67
CA TYR A 50 -4.56 4.40 -4.52
C TYR A 50 -4.97 2.94 -4.52
N GLY A 51 -5.66 2.49 -5.54
CA GLY A 51 -6.11 1.10 -5.57
C GLY A 51 -7.22 0.78 -4.59
N MET A 52 -8.10 1.73 -4.28
CA MET A 52 -9.24 1.41 -3.44
C MET A 52 -10.23 0.58 -4.26
N PRO A 53 -11.00 -0.30 -3.61
CA PRO A 53 -12.04 -1.01 -4.33
C PRO A 53 -12.97 -0.03 -5.04
N GLU A 54 -13.43 -0.41 -6.22
CA GLU A 54 -14.32 0.48 -6.97
C GLU A 54 -15.52 0.85 -6.13
N GLY A 55 -15.87 2.14 -6.13
CA GLY A 55 -17.03 2.59 -5.40
C GLY A 55 -16.82 2.74 -3.90
N TYR A 56 -15.62 2.44 -3.39
CA TYR A 56 -15.40 2.48 -1.95
C TYR A 56 -15.82 3.81 -1.34
N LEU A 57 -15.48 4.92 -1.99
CA LEU A 57 -15.76 6.23 -1.39
C LEU A 57 -17.26 6.55 -1.34
N ASP A 58 -18.08 5.88 -2.14
CA ASP A 58 -19.52 6.12 -2.15
C ASP A 58 -20.31 5.08 -1.35
N ALA A 59 -19.63 4.11 -0.73
CA ALA A 59 -20.31 3.07 0.04
C ALA A 59 -20.74 3.63 1.38
N GLU A 60 -22.04 3.57 1.65
CA GLU A 60 -22.60 4.00 2.91
C GLU A 60 -22.13 3.12 4.07
N TYR A 61 -22.30 3.64 5.29
CA TYR A 61 -22.04 2.90 6.51
C TYR A 61 -23.34 2.28 7.02
N ALA A 62 -23.21 1.18 7.76
CA ALA A 62 -24.35 0.51 8.39
C ALA A 62 -24.80 1.24 9.65
N GLU A 63 -26.08 1.13 9.98
N GLN B 1 -11.87 -9.60 -12.22
CA GLN B 1 -11.13 -10.12 -11.07
C GLN B 1 -9.62 -10.01 -11.27
N VAL B 2 -8.91 -9.87 -10.16
CA VAL B 2 -7.47 -9.60 -10.16
C VAL B 2 -6.81 -10.68 -9.34
N GLN B 3 -5.73 -11.26 -9.86
CA GLN B 3 -4.91 -12.20 -9.10
C GLN B 3 -3.54 -11.57 -8.84
N LEU B 4 -2.99 -11.85 -7.64
CA LEU B 4 -1.76 -11.24 -7.14
C LEU B 4 -0.82 -12.33 -6.63
N VAL B 5 0.47 -12.19 -6.90
CA VAL B 5 1.48 -13.15 -6.48
C VAL B 5 2.62 -12.37 -5.83
N GLU B 6 2.71 -12.45 -4.49
CA GLU B 6 3.90 -12.03 -3.74
C GLU B 6 4.99 -13.09 -3.79
N SER B 7 6.25 -12.64 -3.84
CA SER B 7 7.39 -13.54 -3.71
C SER B 7 8.54 -12.77 -3.11
N GLY B 8 9.61 -13.49 -2.79
CA GLY B 8 10.84 -12.86 -2.33
C GLY B 8 11.08 -12.94 -0.83
N GLY B 9 10.12 -13.46 -0.07
CA GLY B 9 10.32 -13.65 1.36
C GLY B 9 11.35 -14.71 1.64
N GLY B 10 11.64 -14.90 2.93
CA GLY B 10 12.57 -15.91 3.33
C GLY B 10 13.05 -15.70 4.75
N LEU B 11 14.19 -16.29 5.05
CA LEU B 11 14.83 -16.24 6.35
C LEU B 11 16.13 -15.45 6.22
N VAL B 12 16.23 -14.35 6.95
CA VAL B 12 17.40 -13.49 6.84
C VAL B 12 17.81 -13.06 8.23
N GLN B 13 19.10 -12.75 8.40
CA GLN B 13 19.58 -12.32 9.69
C GLN B 13 19.19 -10.87 9.97
N SER B 14 18.97 -10.55 11.25
CA SER B 14 18.70 -9.18 11.64
C SER B 14 19.79 -8.25 11.14
N GLY B 15 19.38 -7.07 10.67
CA GLY B 15 20.25 -6.18 9.96
C GLY B 15 20.43 -6.52 8.49
N GLY B 16 19.76 -7.56 8.01
CA GLY B 16 19.91 -8.00 6.63
C GLY B 16 18.86 -7.42 5.71
N SER B 17 18.91 -7.86 4.46
CA SER B 17 18.13 -7.25 3.39
C SER B 17 17.29 -8.30 2.67
N LEU B 18 16.19 -7.82 2.09
CA LEU B 18 15.24 -8.67 1.39
C LEU B 18 14.43 -7.79 0.46
N ARG B 19 14.24 -8.23 -0.79
CA ARG B 19 13.40 -7.51 -1.73
C ARG B 19 12.20 -8.38 -2.07
N LEU B 20 11.01 -7.94 -1.68
CA LEU B 20 9.78 -8.63 -2.07
C LEU B 20 9.27 -8.11 -3.42
N SER B 21 8.56 -8.98 -4.14
CA SER B 21 7.92 -8.62 -5.39
CA SER B 21 7.93 -8.61 -5.40
C SER B 21 6.44 -8.96 -5.34
N CYS B 22 5.65 -8.21 -6.09
CA CYS B 22 4.23 -8.49 -6.29
C CYS B 22 3.90 -8.36 -7.76
N ALA B 23 3.44 -9.46 -8.38
CA ALA B 23 2.92 -9.44 -9.74
C ALA B 23 1.40 -9.39 -9.68
N ALA B 24 0.79 -8.68 -10.63
CA ALA B 24 -0.66 -8.52 -10.63
C ALA B 24 -1.21 -8.63 -12.04
N SER B 25 -2.40 -9.23 -12.17
CA SER B 25 -2.87 -9.58 -13.49
C SER B 25 -3.25 -8.35 -14.31
N GLY B 26 -3.19 -8.50 -15.63
CA GLY B 26 -3.64 -7.50 -16.57
C GLY B 26 -2.90 -6.18 -16.51
N SER B 27 -1.65 -6.17 -16.09
CA SER B 27 -0.84 -4.94 -16.09
C SER B 27 -1.45 -3.87 -15.21
N ILE B 28 -2.25 -4.28 -14.22
CA ILE B 28 -3.06 -3.32 -13.47
C ILE B 28 -2.17 -2.33 -12.74
N PHE B 29 -0.98 -2.74 -12.28
CA PHE B 29 -0.14 -1.84 -11.49
C PHE B 29 0.34 -0.64 -12.30
N ARG B 30 0.26 -0.70 -13.63
CA ARG B 30 0.73 0.42 -14.43
C ARG B 30 -0.15 1.65 -14.26
N THR B 31 -1.45 1.43 -14.02
CA THR B 31 -2.42 2.52 -13.91
C THR B 31 -3.11 2.57 -12.56
N THR B 32 -2.71 1.75 -11.60
CA THR B 32 -3.45 1.63 -10.35
C THR B 32 -2.48 1.56 -9.19
N GLY B 33 -2.85 2.18 -8.08
CA GLY B 33 -2.07 2.06 -6.87
C GLY B 33 -2.34 0.75 -6.14
N MET B 34 -1.50 0.50 -5.13
CA MET B 34 -1.54 -0.75 -4.38
C MET B 34 -0.99 -0.53 -2.97
N ASN B 35 -1.23 -1.50 -2.10
CA ASN B 35 -0.67 -1.43 -0.76
C ASN B 35 0.01 -2.74 -0.39
N TRP B 36 1.01 -2.62 0.49
CA TRP B 36 1.59 -3.74 1.22
C TRP B 36 1.08 -3.75 2.65
N TYR B 37 0.69 -4.92 3.13
CA TYR B 37 0.38 -5.16 4.53
C TYR B 37 1.27 -6.29 5.05
N ARG B 38 1.39 -6.38 6.36
CA ARG B 38 1.99 -7.56 6.95
C ARG B 38 1.16 -8.02 8.13
N GLN B 39 1.11 -9.34 8.30
CA GLN B 39 0.47 -9.95 9.47
C GLN B 39 1.58 -10.52 10.34
N THR B 40 1.64 -10.04 11.57
CA THR B 40 2.68 -10.41 12.52
C THR B 40 2.06 -11.16 13.68
N PRO B 41 2.88 -11.79 14.54
CA PRO B 41 2.33 -12.34 15.78
C PRO B 41 1.52 -11.33 16.57
N GLU B 42 2.03 -10.12 16.75
CA GLU B 42 1.34 -9.07 17.49
C GLU B 42 0.39 -8.34 16.55
N LYS B 43 -0.86 -8.82 16.50
CA LYS B 43 -1.95 -8.19 15.76
C LYS B 43 -1.75 -8.24 14.25
N GLN B 44 -2.78 -8.68 13.54
CA GLN B 44 -2.72 -8.93 12.11
C GLN B 44 -3.04 -7.68 11.31
N ARG B 45 -2.57 -7.68 10.06
CA ARG B 45 -2.88 -6.68 9.03
C ARG B 45 -2.44 -5.27 9.46
N GLU B 46 -1.13 -5.12 9.59
CA GLU B 46 -0.48 -3.83 9.79
C GLU B 46 -0.05 -3.28 8.44
N TRP B 47 -0.42 -2.02 8.17
CA TRP B 47 -0.08 -1.42 6.88
C TRP B 47 1.40 -1.07 6.84
N VAL B 48 2.03 -1.28 5.69
CA VAL B 48 3.48 -1.17 5.55
C VAL B 48 3.86 -0.04 4.61
N ALA B 49 3.31 -0.03 3.40
CA ALA B 49 3.69 0.97 2.42
C ALA B 49 2.64 1.03 1.32
N LEU B 50 2.58 2.17 0.63
CA LEU B 50 1.76 2.27 -0.57
C LEU B 50 2.60 2.86 -1.68
N ILE B 51 2.21 2.57 -2.91
CA ILE B 51 2.67 3.31 -4.07
C ILE B 51 1.46 3.61 -4.94
N THR B 52 1.35 4.85 -5.41
CA THR B 52 0.18 5.25 -6.17
C THR B 52 0.38 4.93 -7.65
N SER B 53 -0.69 5.13 -8.42
CA SER B 53 -0.66 4.92 -9.86
C SER B 53 0.40 5.76 -10.55
N HIS B 54 0.86 6.85 -9.93
CA HIS B 54 1.86 7.74 -10.49
CA HIS B 54 1.86 7.69 -10.55
C HIS B 54 3.26 7.50 -9.95
N GLY B 55 3.41 6.62 -8.97
CA GLY B 55 4.70 6.33 -8.40
C GLY B 55 5.03 7.07 -7.12
N THR B 56 4.08 7.81 -6.54
CA THR B 56 4.33 8.46 -5.26
C THR B 56 4.11 7.47 -4.12
N THR B 57 4.89 7.63 -3.06
CA THR B 57 5.04 6.60 -2.05
C THR B 57 4.76 7.14 -0.66
N SER B 58 4.40 6.22 0.24
CA SER B 58 4.21 6.53 1.64
C SER B 58 4.55 5.28 2.46
N TYR B 59 5.14 5.47 3.63
CA TYR B 59 5.59 4.36 4.46
C TYR B 59 5.07 4.48 5.88
N ALA B 60 4.91 3.34 6.54
CA ALA B 60 4.63 3.34 7.97
C ALA B 60 5.80 3.94 8.74
N ALA B 61 5.48 4.57 9.88
N ALA B 61 5.51 4.51 9.92
CA ALA B 61 6.45 5.13 10.80
CA ALA B 61 6.57 5.18 10.67
C ALA B 61 6.96 4.01 11.70
C ALA B 61 7.73 4.25 10.99
N SER B 62 7.83 3.20 11.11
N SER B 62 7.45 2.98 11.29
CA SER B 62 8.42 2.03 11.73
CA SER B 62 8.49 2.10 11.79
C SER B 62 9.36 1.43 10.69
C SER B 62 9.41 1.55 10.69
N VAL B 63 9.09 1.74 9.42
CA VAL B 63 9.90 1.27 8.31
C VAL B 63 10.47 2.40 7.46
N GLU B 64 10.08 3.64 7.74
CA GLU B 64 10.62 4.78 7.00
C GLU B 64 12.15 4.80 7.04
N GLY B 65 12.76 4.98 5.88
CA GLY B 65 14.19 4.99 5.73
C GLY B 65 14.81 3.62 5.49
N ARG B 66 14.17 2.56 5.96
CA ARG B 66 14.67 1.20 5.78
C ARG B 66 14.04 0.50 4.60
N PHE B 67 12.82 0.86 4.27
CA PHE B 67 12.06 0.23 3.21
C PHE B 67 11.94 1.17 2.02
N THR B 68 11.91 0.61 0.81
CA THR B 68 11.70 1.38 -0.41
C THR B 68 10.74 0.62 -1.30
N ILE B 69 9.65 1.26 -1.69
CA ILE B 69 8.65 0.67 -2.58
C ILE B 69 8.84 1.33 -3.95
N SER B 70 8.73 0.52 -5.01
CA SER B 70 8.96 1.01 -6.35
C SER B 70 8.30 0.06 -7.34
N ARG B 71 8.30 0.46 -8.61
N ARG B 71 8.30 0.47 -8.60
CA ARG B 71 7.88 -0.36 -9.73
CA ARG B 71 7.89 -0.37 -9.72
C ARG B 71 9.08 -0.67 -10.62
C ARG B 71 9.09 -0.70 -10.59
N ASP B 72 9.00 -1.82 -11.31
CA ASP B 72 10.02 -2.11 -12.30
C ASP B 72 9.82 -1.20 -13.52
N SER B 73 10.81 -1.23 -14.43
CA SER B 73 10.79 -0.37 -15.60
C SER B 73 9.47 -0.44 -16.34
N ALA B 74 8.88 -1.64 -16.46
CA ALA B 74 7.63 -1.80 -17.17
C ALA B 74 6.43 -1.20 -16.44
N GLY B 75 6.54 -0.98 -15.13
CA GLY B 75 5.44 -0.42 -14.38
C GLY B 75 4.44 -1.43 -13.84
N THR B 76 4.66 -2.73 -14.07
CA THR B 76 3.69 -3.77 -13.83
C THR B 76 4.04 -4.70 -12.67
N THR B 77 5.24 -4.58 -12.13
CA THR B 77 5.64 -5.33 -10.95
C THR B 77 6.07 -4.34 -9.89
N VAL B 78 5.67 -4.58 -8.66
CA VAL B 78 6.01 -3.71 -7.55
C VAL B 78 7.03 -4.42 -6.67
N TYR B 79 8.00 -3.65 -6.18
CA TYR B 79 9.04 -4.16 -5.29
C TYR B 79 8.92 -3.48 -3.93
N LEU B 80 9.23 -4.25 -2.89
CA LEU B 80 9.42 -3.71 -1.55
C LEU B 80 10.83 -4.09 -1.15
N GLN B 81 11.75 -3.12 -1.22
CA GLN B 81 13.12 -3.33 -0.77
C GLN B 81 13.19 -3.09 0.73
N MET B 82 13.51 -4.13 1.48
CA MET B 82 13.51 -4.08 2.93
CA MET B 82 13.52 -4.07 2.93
C MET B 82 14.95 -4.21 3.41
N ASN B 83 15.52 -3.12 3.93
CA ASN B 83 16.88 -3.07 4.41
C ASN B 83 16.90 -2.93 5.93
N SER B 84 18.04 -3.27 6.52
CA SER B 84 18.26 -3.17 7.97
C SER B 84 17.14 -3.84 8.75
N LEU B 85 16.86 -5.09 8.38
CA LEU B 85 15.70 -5.80 8.92
C LEU B 85 15.83 -6.04 10.42
N LYS B 86 14.70 -5.96 11.10
CA LYS B 86 14.60 -6.06 12.55
CA LYS B 86 14.60 -6.07 12.55
C LYS B 86 13.66 -7.20 12.92
N PRO B 87 13.80 -7.77 14.13
CA PRO B 87 12.89 -8.85 14.53
C PRO B 87 11.42 -8.45 14.46
N GLU B 88 11.09 -7.18 14.71
CA GLU B 88 9.72 -6.70 14.60
C GLU B 88 9.19 -6.76 13.17
N ASP B 89 10.06 -6.95 12.17
CA ASP B 89 9.62 -6.94 10.78
C ASP B 89 9.15 -8.31 10.29
N ALA B 90 9.29 -9.36 11.09
CA ALA B 90 8.91 -10.69 10.64
C ALA B 90 7.39 -10.83 10.54
N GLY B 91 6.94 -11.60 9.57
CA GLY B 91 5.52 -11.78 9.37
C GLY B 91 5.26 -12.20 7.93
N VAL B 92 3.98 -12.40 7.64
CA VAL B 92 3.53 -12.67 6.27
C VAL B 92 3.19 -11.35 5.62
N TYR B 93 3.77 -11.11 4.46
CA TYR B 93 3.55 -9.86 3.74
C TYR B 93 2.58 -10.10 2.60
N TYR B 94 1.58 -9.23 2.50
CA TYR B 94 0.52 -9.32 1.50
C TYR B 94 0.53 -8.08 0.65
N CYS B 95 0.39 -8.28 -0.67
CA CYS B 95 0.11 -7.15 -1.55
CA CYS B 95 0.14 -7.22 -1.63
C CYS B 95 -1.36 -7.14 -1.91
N THR B 96 -1.92 -5.93 -2.04
CA THR B 96 -3.34 -5.78 -2.32
C THR B 96 -3.60 -4.61 -3.26
N THR B 97 -4.61 -4.77 -4.12
CA THR B 97 -5.14 -3.67 -4.91
C THR B 97 -6.59 -3.95 -5.22
N ARG B 98 -7.41 -2.89 -5.22
CA ARG B 98 -8.81 -2.97 -5.65
C ARG B 98 -9.63 -3.95 -4.80
N GLY B 99 -9.19 -4.20 -3.55
CA GLY B 99 -9.86 -5.15 -2.67
C GLY B 99 -9.44 -6.59 -2.85
N TYR B 100 -8.55 -6.88 -3.80
CA TYR B 100 -7.97 -8.20 -4.02
C TYR B 100 -6.66 -8.33 -3.25
N TRP B 101 -6.34 -9.56 -2.80
CA TRP B 101 -5.18 -9.82 -1.95
C TRP B 101 -4.48 -11.07 -2.43
N GLY B 102 -3.14 -11.04 -2.44
CA GLY B 102 -2.39 -12.25 -2.73
C GLY B 102 -2.42 -13.20 -1.55
N GLN B 103 -1.82 -14.37 -1.75
CA GLN B 103 -1.72 -15.37 -0.69
C GLN B 103 -0.65 -15.01 0.33
N GLY B 104 0.26 -14.10 -0.01
CA GLY B 104 1.25 -13.62 0.95
C GLY B 104 2.56 -14.39 0.87
N THR B 105 3.62 -13.77 1.40
CA THR B 105 4.94 -14.38 1.44
C THR B 105 5.54 -14.20 2.84
N GLN B 106 6.17 -15.25 3.36
CA GLN B 106 6.66 -15.26 4.74
C GLN B 106 8.04 -14.59 4.85
N VAL B 107 8.21 -13.76 5.88
CA VAL B 107 9.50 -13.16 6.23
C VAL B 107 9.83 -13.54 7.67
N THR B 108 10.97 -14.20 7.87
CA THR B 108 11.44 -14.57 9.19
C THR B 108 12.83 -13.96 9.41
N VAL B 109 13.06 -13.39 10.58
CA VAL B 109 14.29 -12.68 10.89
C VAL B 109 14.93 -13.31 12.11
N SER B 110 16.10 -13.92 11.92
CA SER B 110 16.78 -14.62 13.00
C SER B 110 17.94 -13.78 13.54
N SER B 111 18.26 -14.00 14.81
CA SER B 111 19.36 -13.30 15.47
C SER B 111 20.51 -14.25 15.77
#